data_7YBC
#
_entry.id   7YBC
#
_cell.length_a   50.372
_cell.length_b   87.049
_cell.length_c   124.396
_cell.angle_alpha   90.000
_cell.angle_beta   90.000
_cell.angle_gamma   90.000
#
_symmetry.space_group_name_H-M   'P 21 21 21'
#
loop_
_entity.id
_entity.type
_entity.pdbx_description
1 polymer 'Aspartyl/asparaginyl beta-hydroxylase'
2 polymer 'Coagulation factor X'
3 non-polymer 'MANGANESE (II) ION'
4 non-polymer GLYCEROL
5 non-polymer '(2~{S})-2-methyl-2-oxidanyl-4-oxidanylidene-pentanedioic acid'
6 water water
#
loop_
_entity_poly.entity_id
_entity_poly.type
_entity_poly.pdbx_seq_one_letter_code
_entity_poly.pdbx_strand_id
1 'polypeptide(L)'
;KPKLLNKFDKTIKAELDAAEKLRKRGKIEEAVNAFKELVRKYPQSPRARYGKAQCEDDLAEKRRSNEVLRGAIETYQEVA
SLPDVPADLLKLSLKRRSDRQQFLGHMRGSLLTLQRLVQLFPNDTSLKNDLGVGYLLIGDNDNAKKVYEEVLSVTPNDGF
AKVHYGFILKAQNKIAESIPYLKEGIESGDPGTDDGRFYFHLGDAMQRVGNKEAYKWYELGHKRGHFASVWQRSLYNVNG
LKAQPWWTPKETGYTELVKSLERNWKLIRDEGLAVMDKAKGLFLPEDENLREKGDWSQFTLWQQGRRNENACKGAPKTCT
LLEKFPETTGCRRGQIKYSIMHPGTHVWPHTGPTNCRLRMHLGLVIPKEGCKIRCANETKTWEEGKVLIFDDSFEHEVWQ
DASSFRLIFIVDVWHPELTPQQRRSLPAI
;
A
2 'polypeptide(L)' DGDQSETSPSQNQGKCKDGLGEYTCTSLEGFEGKNSELF B
#
# COMPACT_ATOMS: atom_id res chain seq x y z
N LYS A 1 23.79 2.65 27.36
CA LYS A 1 22.41 2.45 27.81
C LYS A 1 22.04 0.97 27.72
N PRO A 2 22.15 0.37 26.52
CA PRO A 2 21.82 -1.05 26.36
C PRO A 2 22.95 -1.93 26.87
N LYS A 3 22.63 -2.78 27.84
CA LYS A 3 23.58 -3.75 28.37
C LYS A 3 23.49 -5.01 27.54
N LEU A 4 24.50 -5.27 26.72
CA LEU A 4 24.47 -6.40 25.80
C LEU A 4 25.44 -7.51 26.19
N LEU A 5 26.21 -7.34 27.26
CA LEU A 5 27.26 -8.29 27.62
C LEU A 5 26.88 -9.05 28.89
N ASN A 6 26.83 -10.38 28.80
CA ASN A 6 26.63 -11.22 29.97
C ASN A 6 27.98 -11.44 30.65
N LYS A 7 27.99 -12.25 31.72
CA LYS A 7 29.18 -12.38 32.55
C LYS A 7 30.38 -12.80 31.71
N PHE A 8 30.24 -13.84 30.90
CA PHE A 8 31.37 -14.31 30.13
C PHE A 8 31.78 -13.29 29.07
N ASP A 9 30.81 -12.63 28.44
CA ASP A 9 31.15 -11.72 27.35
C ASP A 9 31.96 -10.53 27.84
N LYS A 10 31.80 -10.15 29.11
CA LYS A 10 32.62 -9.07 29.67
C LYS A 10 34.08 -9.46 29.70
N THR A 11 34.38 -10.75 29.85
CA THR A 11 35.76 -11.22 29.93
C THR A 11 36.44 -11.28 28.57
N ILE A 12 35.70 -11.22 27.47
CA ILE A 12 36.26 -11.16 26.13
C ILE A 12 35.93 -9.85 25.43
N LYS A 13 35.60 -8.82 26.20
CA LYS A 13 35.18 -7.55 25.62
C LYS A 13 36.20 -6.98 24.66
N ALA A 14 37.49 -7.24 24.89
CA ALA A 14 38.52 -6.69 24.01
C ALA A 14 38.43 -7.32 22.61
N GLU A 15 38.24 -8.63 22.55
CA GLU A 15 38.08 -9.28 21.25
C GLU A 15 36.78 -8.86 20.57
N LEU A 16 35.71 -8.66 21.36
CA LEU A 16 34.43 -8.27 20.78
C LEU A 16 34.49 -6.86 20.22
N ASP A 17 35.13 -5.93 20.94
CA ASP A 17 35.23 -4.55 20.45
C ASP A 17 36.13 -4.47 19.22
N ALA A 18 37.20 -5.25 19.19
CA ALA A 18 38.07 -5.26 18.02
C ALA A 18 37.29 -5.66 16.78
N ALA A 19 36.40 -6.65 16.89
CA ALA A 19 35.61 -7.05 15.74
C ALA A 19 34.55 -5.99 15.38
N GLU A 20 33.90 -5.41 16.39
CA GLU A 20 32.89 -4.39 16.09
C GLU A 20 33.51 -3.13 15.49
N LYS A 21 34.72 -2.77 15.90
CA LYS A 21 35.37 -1.61 15.29
C LYS A 21 35.53 -1.81 13.79
N LEU A 22 35.86 -3.04 13.37
CA LEU A 22 35.95 -3.33 11.94
C LEU A 22 34.62 -3.08 11.25
N ARG A 23 33.51 -3.47 11.88
CA ARG A 23 32.21 -3.26 11.24
C ARG A 23 31.92 -1.77 11.10
N LYS A 24 32.11 -1.00 12.17
CA LYS A 24 31.80 0.42 12.11
C LYS A 24 32.76 1.19 11.21
N ARG A 25 33.97 0.68 11.00
CA ARG A 25 34.87 1.28 10.02
C ARG A 25 34.46 0.98 8.59
N GLY A 26 33.52 0.05 8.38
CA GLY A 26 33.05 -0.28 7.05
C GLY A 26 33.72 -1.48 6.42
N LYS A 27 34.64 -2.15 7.11
CA LYS A 27 35.31 -3.32 6.57
C LYS A 27 34.46 -4.57 6.84
N ILE A 28 33.33 -4.62 6.13
CA ILE A 28 32.31 -5.62 6.41
C ILE A 28 32.86 -7.04 6.30
N GLU A 29 33.64 -7.30 5.25
CA GLU A 29 34.15 -8.65 5.03
C GLU A 29 35.14 -9.06 6.10
N GLU A 30 36.01 -8.15 6.53
CA GLU A 30 36.90 -8.47 7.64
C GLU A 30 36.12 -8.64 8.94
N ALA A 31 35.07 -7.84 9.12
CA ALA A 31 34.26 -7.93 10.33
C ALA A 31 33.56 -9.28 10.42
N VAL A 32 33.02 -9.76 9.29
CA VAL A 32 32.35 -11.06 9.29
C VAL A 32 33.32 -12.15 9.74
N ASN A 33 34.50 -12.18 9.13
CA ASN A 33 35.47 -13.22 9.46
C ASN A 33 35.92 -13.11 10.90
N ALA A 34 36.07 -11.88 11.41
CA ALA A 34 36.42 -11.69 12.80
C ALA A 34 35.34 -12.28 13.71
N PHE A 35 34.07 -11.94 13.45
CA PHE A 35 33.00 -12.47 14.30
C PHE A 35 32.81 -13.97 14.07
N LYS A 36 33.06 -14.45 12.85
CA LYS A 36 32.96 -15.88 12.62
C LYS A 36 33.98 -16.65 13.44
N GLU A 37 35.21 -16.14 13.54
CA GLU A 37 36.23 -16.79 14.38
C GLU A 37 35.85 -16.72 15.85
N LEU A 38 35.27 -15.59 16.28
CA LEU A 38 34.80 -15.51 17.66
C LEU A 38 33.66 -16.48 17.93
N VAL A 39 32.74 -16.64 16.98
CA VAL A 39 31.68 -17.63 17.17
C VAL A 39 32.26 -19.03 17.22
N ARG A 40 33.24 -19.32 16.36
CA ARG A 40 33.90 -20.62 16.39
C ARG A 40 34.52 -20.87 17.76
N LYS A 41 35.28 -19.90 18.27
CA LYS A 41 36.01 -20.08 19.51
C LYS A 41 35.12 -19.94 20.74
N TYR A 42 34.06 -19.14 20.66
CA TYR A 42 33.12 -18.94 21.75
C TYR A 42 31.71 -19.19 21.24
N PRO A 43 31.36 -20.45 20.95
CA PRO A 43 30.05 -20.73 20.36
C PRO A 43 28.87 -20.32 21.21
N GLN A 44 29.08 -20.03 22.51
CA GLN A 44 27.98 -19.67 23.38
C GLN A 44 27.86 -18.18 23.64
N SER A 45 28.75 -17.37 23.09
CA SER A 45 28.71 -15.95 23.32
C SER A 45 27.56 -15.28 22.58
N PRO A 46 26.61 -14.64 23.27
CA PRO A 46 25.54 -13.95 22.53
C PRO A 46 26.03 -12.73 21.78
N ARG A 47 27.00 -11.99 22.33
CA ARG A 47 27.47 -10.79 21.65
C ARG A 47 28.25 -11.13 20.38
N ALA A 48 29.05 -12.20 20.42
CA ALA A 48 29.71 -12.65 19.20
C ALA A 48 28.68 -13.01 18.13
N ARG A 49 27.63 -13.74 18.53
CA ARG A 49 26.64 -14.19 17.57
C ARG A 49 25.87 -13.02 16.98
N TYR A 50 25.57 -12.01 17.81
CA TYR A 50 24.88 -10.82 17.31
C TYR A 50 25.78 -10.01 16.39
N GLY A 51 27.07 -9.96 16.70
CA GLY A 51 28.01 -9.31 15.81
C GLY A 51 28.03 -9.96 14.44
N LYS A 52 28.07 -11.30 14.40
CA LYS A 52 28.00 -12.00 13.14
C LYS A 52 26.71 -11.64 12.39
N ALA A 53 25.58 -11.60 13.09
CA ALA A 53 24.31 -11.33 12.43
C ALA A 53 24.30 -9.94 11.84
N GLN A 54 24.79 -8.96 12.61
CA GLN A 54 24.81 -7.58 12.14
C GLN A 54 25.72 -7.42 10.93
N CYS A 55 26.86 -8.11 10.93
CA CYS A 55 27.75 -8.05 9.77
C CYS A 55 27.09 -8.68 8.55
N GLU A 56 26.39 -9.80 8.74
CA GLU A 56 25.64 -10.41 7.64
C GLU A 56 24.56 -9.46 7.15
N ASP A 57 23.88 -8.79 8.08
CA ASP A 57 22.88 -7.77 7.75
C ASP A 57 23.49 -6.67 6.91
N ASP A 58 24.62 -6.09 7.37
CA ASP A 58 25.30 -5.05 6.61
C ASP A 58 25.76 -5.57 5.25
N LEU A 59 26.28 -6.80 5.22
CA LEU A 59 26.75 -7.36 3.95
C LEU A 59 25.60 -7.52 2.97
N ALA A 60 24.43 -7.93 3.45
CA ALA A 60 23.28 -8.04 2.56
C ALA A 60 22.91 -6.69 1.97
N GLU A 61 23.13 -5.61 2.73
CA GLU A 61 22.88 -4.28 2.19
C GLU A 61 23.90 -3.91 1.13
N LYS A 62 25.17 -4.21 1.38
CA LYS A 62 26.21 -3.89 0.40
C LYS A 62 26.00 -4.68 -0.89
N ARG A 63 25.65 -5.96 -0.78
CA ARG A 63 25.44 -6.79 -1.95
C ARG A 63 24.01 -6.81 -2.46
N ARG A 64 23.08 -6.21 -1.73
CA ARG A 64 21.66 -6.22 -2.09
C ARG A 64 21.19 -7.64 -2.39
N SER A 65 21.40 -8.53 -1.42
CA SER A 65 21.17 -9.96 -1.61
C SER A 65 20.14 -10.47 -0.60
N ASN A 66 19.03 -11.00 -1.12
CA ASN A 66 18.05 -11.63 -0.23
C ASN A 66 18.61 -12.87 0.45
N GLU A 67 19.49 -13.61 -0.24
CA GLU A 67 20.02 -14.84 0.33
C GLU A 67 20.93 -14.56 1.51
N VAL A 68 21.77 -13.52 1.40
CA VAL A 68 22.62 -13.15 2.53
C VAL A 68 21.77 -12.66 3.69
N LEU A 69 20.67 -11.97 3.40
CA LEU A 69 19.79 -11.49 4.47
C LEU A 69 19.11 -12.67 5.16
N ARG A 70 18.75 -13.70 4.40
CA ARG A 70 18.16 -14.88 5.03
C ARG A 70 19.14 -15.53 6.00
N GLY A 71 20.44 -15.49 5.71
CA GLY A 71 21.41 -15.97 6.67
C GLY A 71 21.41 -15.14 7.94
N ALA A 72 21.42 -13.81 7.79
CA ALA A 72 21.38 -12.93 8.95
C ALA A 72 20.16 -13.20 9.81
N ILE A 73 19.00 -13.36 9.18
CA ILE A 73 17.76 -13.63 9.90
C ILE A 73 17.90 -14.88 10.75
N GLU A 74 18.58 -15.91 10.23
CA GLU A 74 18.79 -17.12 11.02
C GLU A 74 19.77 -16.87 12.16
N THR A 75 20.79 -16.06 11.93
CA THR A 75 21.76 -15.82 13.01
C THR A 75 21.15 -14.97 14.12
N TYR A 76 20.29 -14.00 13.77
CA TYR A 76 19.60 -13.27 14.85
C TYR A 76 18.79 -14.22 15.72
N GLN A 77 18.22 -15.27 15.11
CA GLN A 77 17.48 -16.29 15.86
C GLN A 77 18.40 -17.10 16.75
N GLU A 78 19.58 -17.45 16.23
CA GLU A 78 20.56 -18.18 17.02
C GLU A 78 20.93 -17.42 18.29
N VAL A 79 21.09 -16.10 18.20
CA VAL A 79 21.37 -15.31 19.39
C VAL A 79 20.38 -15.65 20.49
N ALA A 80 19.08 -15.69 20.14
CA ALA A 80 18.03 -15.89 21.12
C ALA A 80 18.03 -17.30 21.72
N SER A 81 18.67 -18.27 21.06
CA SER A 81 18.72 -19.63 21.56
C SER A 81 19.90 -19.88 22.48
N LEU A 82 20.84 -18.96 22.58
CA LEU A 82 22.00 -19.17 23.43
C LEU A 82 21.62 -18.99 24.89
N PRO A 83 22.42 -19.52 25.80
CA PRO A 83 22.13 -19.33 27.23
C PRO A 83 22.55 -17.95 27.72
N ASP A 84 21.81 -17.46 28.71
CA ASP A 84 22.24 -16.29 29.48
C ASP A 84 22.29 -15.04 28.61
N VAL A 85 21.32 -14.88 27.73
CA VAL A 85 21.28 -13.70 26.85
C VAL A 85 20.70 -12.50 27.58
N PRO A 86 21.41 -11.38 27.67
CA PRO A 86 20.83 -10.20 28.34
C PRO A 86 19.58 -9.72 27.62
N ALA A 87 18.67 -9.15 28.41
CA ALA A 87 17.33 -8.86 27.91
C ALA A 87 17.37 -7.81 26.80
N ASP A 88 18.24 -6.80 26.93
CA ASP A 88 18.35 -5.78 25.90
C ASP A 88 18.80 -6.39 24.57
N LEU A 89 19.77 -7.32 24.63
CA LEU A 89 20.28 -7.95 23.42
C LEU A 89 19.24 -8.87 22.80
N LEU A 90 18.53 -9.63 23.64
CA LEU A 90 17.49 -10.52 23.14
C LEU A 90 16.44 -9.73 22.38
N LYS A 91 16.04 -8.57 22.91
CA LYS A 91 15.03 -7.77 22.27
C LYS A 91 15.54 -7.16 20.97
N LEU A 92 16.74 -6.59 21.01
CA LEU A 92 17.34 -6.04 19.79
C LEU A 92 17.41 -7.10 18.69
N SER A 93 17.84 -8.31 19.03
CA SER A 93 18.07 -9.30 18.00
C SER A 93 16.77 -9.75 17.36
N LEU A 94 15.75 -10.06 18.16
CA LEU A 94 14.49 -10.53 17.60
C LEU A 94 13.72 -9.39 16.92
N LYS A 95 13.84 -8.16 17.42
CA LYS A 95 13.22 -7.03 16.74
C LYS A 95 13.78 -6.89 15.33
N ARG A 96 15.11 -6.94 15.18
CA ARG A 96 15.68 -6.81 13.84
C ARG A 96 15.30 -8.00 12.99
N ARG A 97 15.31 -9.21 13.56
CA ARG A 97 14.87 -10.37 12.82
C ARG A 97 13.49 -10.13 12.19
N SER A 98 12.54 -9.71 13.01
CA SER A 98 11.19 -9.47 12.52
C SER A 98 11.18 -8.42 11.41
N ASP A 99 11.89 -7.31 11.63
CA ASP A 99 11.91 -6.23 10.66
C ASP A 99 12.48 -6.69 9.33
N ARG A 100 13.55 -7.49 9.36
CA ARG A 100 14.15 -7.99 8.14
C ARG A 100 13.28 -9.07 7.48
N GLN A 101 12.58 -9.87 8.29
CA GLN A 101 11.61 -10.81 7.73
C GLN A 101 10.51 -10.06 6.97
N GLN A 102 10.05 -8.93 7.51
CA GLN A 102 9.04 -8.14 6.80
C GLN A 102 9.60 -7.54 5.51
N PHE A 103 10.83 -7.03 5.56
CA PHE A 103 11.48 -6.49 4.37
C PHE A 103 11.53 -7.52 3.25
N LEU A 104 11.69 -8.79 3.58
CA LEU A 104 11.71 -9.83 2.57
C LEU A 104 10.33 -10.33 2.19
N GLY A 105 9.27 -9.86 2.87
CA GLY A 105 7.95 -10.36 2.61
C GLY A 105 7.59 -11.64 3.33
N HIS A 106 8.37 -12.03 4.34
CA HIS A 106 8.07 -13.20 5.15
C HIS A 106 7.13 -12.81 6.29
N MET A 107 5.93 -12.34 5.92
CA MET A 107 5.02 -11.78 6.91
C MET A 107 4.60 -12.84 7.93
N ARG A 108 4.42 -14.09 7.49
CA ARG A 108 4.14 -15.17 8.43
C ARG A 108 5.30 -15.37 9.40
N GLY A 109 6.53 -15.30 8.90
CA GLY A 109 7.68 -15.47 9.78
C GLY A 109 7.81 -14.33 10.76
N SER A 110 7.66 -13.10 10.29
CA SER A 110 7.68 -11.95 11.17
C SER A 110 6.65 -12.10 12.29
N LEU A 111 5.47 -12.64 11.97
CA LEU A 111 4.41 -12.73 12.97
C LEU A 111 4.80 -13.68 14.09
N LEU A 112 5.35 -14.85 13.75
CA LEU A 112 5.84 -15.76 14.76
C LEU A 112 6.90 -15.10 15.63
N THR A 113 7.80 -14.33 15.02
CA THR A 113 8.84 -13.65 15.80
C THR A 113 8.22 -12.61 16.72
N LEU A 114 7.23 -11.85 16.23
CA LEU A 114 6.59 -10.84 17.05
C LEU A 114 5.81 -11.47 18.20
N GLN A 115 5.17 -12.62 17.95
CA GLN A 115 4.45 -13.31 19.02
C GLN A 115 5.40 -13.78 20.11
N ARG A 116 6.60 -14.20 19.71
CA ARG A 116 7.60 -14.59 20.71
C ARG A 116 8.06 -13.38 21.51
N LEU A 117 8.32 -12.26 20.84
CA LEU A 117 8.71 -11.05 21.55
C LEU A 117 7.71 -10.68 22.63
N VAL A 118 6.41 -10.76 22.32
CA VAL A 118 5.40 -10.34 23.29
C VAL A 118 5.33 -11.32 24.45
N GLN A 119 5.49 -12.61 24.16
CA GLN A 119 5.56 -13.62 25.22
C GLN A 119 6.75 -13.36 26.14
N LEU A 120 7.89 -13.00 25.55
CA LEU A 120 9.11 -12.79 26.33
C LEU A 120 9.10 -11.49 27.11
N PHE A 121 8.39 -10.47 26.61
CA PHE A 121 8.37 -9.14 27.22
C PHE A 121 6.92 -8.70 27.34
N PRO A 122 6.15 -9.35 28.21
CA PRO A 122 4.69 -9.12 28.21
C PRO A 122 4.28 -7.73 28.67
N ASN A 123 5.19 -6.90 29.17
CA ASN A 123 4.86 -5.56 29.62
C ASN A 123 5.38 -4.46 28.69
N ASP A 124 5.90 -4.82 27.52
CA ASP A 124 6.41 -3.84 26.56
C ASP A 124 5.29 -3.51 25.57
N THR A 125 4.67 -2.34 25.76
CA THR A 125 3.55 -1.91 24.92
C THR A 125 3.96 -1.76 23.46
N SER A 126 5.16 -1.23 23.22
CA SER A 126 5.60 -0.99 21.84
C SER A 126 5.68 -2.29 21.04
N LEU A 127 6.04 -3.39 21.69
CA LEU A 127 6.10 -4.67 21.00
C LEU A 127 4.70 -5.15 20.63
N LYS A 128 3.72 -4.99 21.54
CA LYS A 128 2.35 -5.31 21.17
C LYS A 128 1.90 -4.47 19.97
N ASN A 129 2.21 -3.17 19.99
CA ASN A 129 1.91 -2.33 18.84
C ASN A 129 2.56 -2.89 17.57
N ASP A 130 3.81 -3.35 17.67
CA ASP A 130 4.45 -3.93 16.49
C ASP A 130 3.77 -5.22 16.07
N LEU A 131 3.26 -6.00 17.03
CA LEU A 131 2.53 -7.23 16.69
C LEU A 131 1.28 -6.89 15.89
N GLY A 132 0.55 -5.85 16.30
CA GLY A 132 -0.61 -5.42 15.55
C GLY A 132 -0.29 -5.08 14.12
N VAL A 133 0.86 -4.44 13.89
CA VAL A 133 1.28 -4.12 12.52
C VAL A 133 1.56 -5.40 11.74
N GLY A 134 2.21 -6.37 12.38
CA GLY A 134 2.38 -7.67 11.75
C GLY A 134 1.08 -8.25 11.24
N TYR A 135 0.01 -8.15 12.02
CA TYR A 135 -1.29 -8.67 11.58
C TYR A 135 -1.85 -7.83 10.43
N LEU A 136 -1.74 -6.51 10.53
CA LEU A 136 -2.19 -5.64 9.45
C LEU A 136 -1.48 -5.99 8.14
N LEU A 137 -0.18 -6.27 8.20
CA LEU A 137 0.58 -6.51 6.98
C LEU A 137 0.22 -7.84 6.31
N ILE A 138 -0.39 -8.78 7.05
CA ILE A 138 -0.86 -10.01 6.45
C ILE A 138 -2.35 -9.99 6.16
N GLY A 139 -3.01 -8.86 6.37
CA GLY A 139 -4.42 -8.74 6.09
C GLY A 139 -5.34 -9.28 7.15
N ASP A 140 -4.85 -9.57 8.36
CA ASP A 140 -5.67 -10.14 9.43
C ASP A 140 -6.11 -9.01 10.36
N ASN A 141 -7.13 -8.26 9.91
CA ASN A 141 -7.55 -7.08 10.67
C ASN A 141 -8.30 -7.44 11.94
N ASP A 142 -8.88 -8.64 11.99
CA ASP A 142 -9.59 -9.08 13.20
C ASP A 142 -8.61 -9.25 14.36
N ASN A 143 -7.47 -9.91 14.12
CA ASN A 143 -6.47 -10.07 15.17
C ASN A 143 -5.74 -8.77 15.45
N ALA A 144 -5.47 -7.97 14.43
CA ALA A 144 -4.89 -6.65 14.66
C ALA A 144 -5.78 -5.83 15.59
N LYS A 145 -7.09 -5.86 15.36
CA LYS A 145 -8.01 -5.10 16.20
C LYS A 145 -7.95 -5.57 17.65
N LYS A 146 -7.85 -6.89 17.86
CA LYS A 146 -7.79 -7.40 19.21
C LYS A 146 -6.53 -6.92 19.92
N VAL A 147 -5.41 -6.84 19.19
CA VAL A 147 -4.16 -6.39 19.80
C VAL A 147 -4.30 -4.94 20.27
N TYR A 148 -4.81 -4.07 19.40
CA TYR A 148 -4.87 -2.66 19.80
C TYR A 148 -5.93 -2.45 20.88
N GLU A 149 -6.98 -3.27 20.91
CA GLU A 149 -7.92 -3.21 22.02
C GLU A 149 -7.24 -3.56 23.34
N GLU A 150 -6.37 -4.58 23.33
CA GLU A 150 -5.65 -4.94 24.53
C GLU A 150 -4.70 -3.82 24.97
N VAL A 151 -4.04 -3.17 24.01
CA VAL A 151 -3.11 -2.10 24.35
C VAL A 151 -3.86 -0.93 24.98
N LEU A 152 -4.99 -0.55 24.38
CA LEU A 152 -5.74 0.61 24.85
C LEU A 152 -6.42 0.37 26.18
N SER A 153 -6.69 -0.89 26.52
CA SER A 153 -7.24 -1.20 27.84
C SER A 153 -6.22 -0.96 28.94
N VAL A 154 -4.92 -1.10 28.63
CA VAL A 154 -3.87 -0.87 29.60
C VAL A 154 -3.36 0.57 29.55
N THR A 155 -3.17 1.12 28.35
N THR A 155 -3.18 1.12 28.35
CA THR A 155 -2.63 2.47 28.16
CA THR A 155 -2.62 2.45 28.14
C THR A 155 -3.58 3.20 27.23
C THR A 155 -3.59 3.19 27.21
N PRO A 156 -4.67 3.75 27.76
CA PRO A 156 -5.71 4.31 26.88
C PRO A 156 -5.25 5.47 26.02
N ASN A 157 -4.16 6.15 26.35
CA ASN A 157 -3.72 7.29 25.56
C ASN A 157 -2.51 6.98 24.68
N ASP A 158 -2.20 5.70 24.47
CA ASP A 158 -1.18 5.36 23.49
C ASP A 158 -1.60 5.80 22.10
N GLY A 159 -0.90 6.80 21.53
CA GLY A 159 -1.35 7.37 20.28
C GLY A 159 -1.18 6.46 19.09
N PHE A 160 -0.10 5.65 19.08
CA PHE A 160 0.11 4.69 18.00
C PHE A 160 -1.05 3.69 17.93
N ALA A 161 -1.47 3.18 19.09
CA ALA A 161 -2.59 2.26 19.11
C ALA A 161 -3.89 2.96 18.72
N LYS A 162 -4.02 4.25 19.06
CA LYS A 162 -5.24 4.97 18.69
C LYS A 162 -5.36 5.10 17.17
N VAL A 163 -4.30 5.58 16.50
CA VAL A 163 -4.41 5.78 15.06
C VAL A 163 -4.58 4.46 14.33
N HIS A 164 -3.94 3.40 14.83
CA HIS A 164 -4.10 2.10 14.18
C HIS A 164 -5.47 1.52 14.45
N TYR A 165 -5.98 1.69 15.68
CA TYR A 165 -7.34 1.26 15.96
C TYR A 165 -8.34 2.02 15.11
N GLY A 166 -8.17 3.34 15.00
CA GLY A 166 -9.05 4.11 14.13
C GLY A 166 -8.98 3.67 12.69
N PHE A 167 -7.77 3.39 12.20
CA PHE A 167 -7.62 2.90 10.83
C PHE A 167 -8.45 1.64 10.62
N ILE A 168 -8.39 0.71 11.56
CA ILE A 168 -9.14 -0.54 11.44
C ILE A 168 -10.64 -0.25 11.45
N LEU A 169 -11.09 0.59 12.39
CA LEU A 169 -12.51 0.92 12.45
C LEU A 169 -12.99 1.52 11.13
N LYS A 170 -12.21 2.43 10.56
CA LYS A 170 -12.62 3.04 9.31
C LYS A 170 -12.66 1.99 8.19
N ALA A 171 -11.66 1.11 8.14
CA ALA A 171 -11.66 0.07 7.11
C ALA A 171 -12.86 -0.85 7.24
N GLN A 172 -13.45 -0.98 8.44
CA GLN A 172 -14.66 -1.75 8.65
C GLN A 172 -15.93 -0.95 8.43
N ASN A 173 -15.81 0.29 7.97
CA ASN A 173 -16.94 1.17 7.69
C ASN A 173 -17.61 1.67 8.96
N LYS A 174 -16.86 1.70 10.07
CA LYS A 174 -17.33 2.32 11.32
C LYS A 174 -16.80 3.75 11.36
N ILE A 175 -17.42 4.58 10.52
CA ILE A 175 -16.82 5.86 10.14
C ILE A 175 -16.82 6.82 11.33
N ALA A 176 -18.00 7.06 11.91
CA ALA A 176 -18.10 7.98 13.03
C ALA A 176 -17.23 7.53 14.19
N GLU A 177 -17.19 6.22 14.44
CA GLU A 177 -16.42 5.71 15.57
C GLU A 177 -14.92 5.91 15.36
N SER A 178 -14.46 5.93 14.09
CA SER A 178 -13.03 6.00 13.82
C SER A 178 -12.48 7.40 14.06
N ILE A 179 -13.31 8.43 13.93
CA ILE A 179 -12.81 9.80 13.88
C ILE A 179 -12.06 10.19 15.15
N PRO A 180 -12.63 9.99 16.35
CA PRO A 180 -11.89 10.40 17.56
C PRO A 180 -10.57 9.66 17.77
N TYR A 181 -10.48 8.39 17.37
CA TYR A 181 -9.22 7.65 17.50
C TYR A 181 -8.16 8.19 16.55
N LEU A 182 -8.53 8.39 15.28
CA LEU A 182 -7.57 8.94 14.33
C LEU A 182 -7.10 10.32 14.74
N LYS A 183 -8.04 11.18 15.15
CA LYS A 183 -7.70 12.56 15.51
C LYS A 183 -6.87 12.60 16.79
N GLU A 184 -7.39 11.99 17.87
CA GLU A 184 -6.63 11.94 19.12
C GLU A 184 -5.25 11.31 18.91
N GLY A 185 -5.17 10.28 18.07
CA GLY A 185 -3.88 9.63 17.85
C GLY A 185 -2.89 10.53 17.15
N ILE A 186 -3.33 11.17 16.05
CA ILE A 186 -2.46 12.11 15.35
C ILE A 186 -2.05 13.24 16.30
N GLU A 187 -3.02 13.80 17.02
CA GLU A 187 -2.74 14.91 17.93
C GLU A 187 -1.76 14.51 19.02
N SER A 188 -1.62 13.21 19.31
CA SER A 188 -0.71 12.78 20.35
C SER A 188 0.74 13.05 19.98
N GLY A 189 1.06 13.12 18.70
CA GLY A 189 2.42 13.30 18.26
C GLY A 189 3.36 12.16 18.63
N ASP A 190 2.81 11.03 19.09
CA ASP A 190 3.65 9.91 19.45
C ASP A 190 4.36 9.37 18.21
N PRO A 191 5.52 8.73 18.38
CA PRO A 191 6.20 8.12 17.23
C PRO A 191 5.27 7.20 16.47
N GLY A 192 5.28 7.33 15.15
CA GLY A 192 4.45 6.50 14.29
C GLY A 192 3.09 7.07 13.95
N THR A 193 2.67 8.16 14.57
CA THR A 193 1.36 8.73 14.26
C THR A 193 1.39 9.77 13.16
N ASP A 194 2.56 10.34 12.83
CA ASP A 194 2.67 11.35 11.78
C ASP A 194 2.86 10.65 10.44
N ASP A 195 1.75 10.09 9.95
CA ASP A 195 1.77 9.17 8.81
C ASP A 195 0.60 9.54 7.90
N GLY A 196 0.90 9.68 6.61
CA GLY A 196 -0.09 10.16 5.67
C GLY A 196 -1.37 9.34 5.64
N ARG A 197 -1.26 8.03 5.89
CA ARG A 197 -2.45 7.19 5.90
C ARG A 197 -3.49 7.68 6.90
N PHE A 198 -3.06 8.24 8.03
CA PHE A 198 -4.00 8.60 9.09
C PHE A 198 -4.64 9.97 8.82
N TYR A 199 -3.87 10.93 8.28
CA TYR A 199 -4.49 12.16 7.82
C TYR A 199 -5.46 11.89 6.68
N PHE A 200 -5.08 11.00 5.77
CA PHE A 200 -5.92 10.67 4.62
C PHE A 200 -7.29 10.15 5.07
N HIS A 201 -7.28 9.17 5.97
CA HIS A 201 -8.53 8.52 6.37
C HIS A 201 -9.33 9.34 7.35
N LEU A 202 -8.68 10.15 8.18
CA LEU A 202 -9.39 11.06 9.06
C LEU A 202 -10.19 12.08 8.26
N GLY A 203 -9.56 12.69 7.26
CA GLY A 203 -10.28 13.64 6.43
C GLY A 203 -11.41 12.99 5.67
N ASP A 204 -11.16 11.78 5.14
CA ASP A 204 -12.21 11.10 4.38
C ASP A 204 -13.37 10.71 5.28
N ALA A 205 -13.08 10.17 6.48
CA ALA A 205 -14.13 9.87 7.43
C ALA A 205 -14.96 11.12 7.75
N MET A 206 -14.29 12.24 7.97
CA MET A 206 -15.01 13.48 8.24
C MET A 206 -15.86 13.89 7.05
N GLN A 207 -15.35 13.74 5.84
CA GLN A 207 -16.16 14.07 4.67
C GLN A 207 -17.45 13.26 4.64
N ARG A 208 -17.35 11.97 4.99
CA ARG A 208 -18.50 11.10 4.85
C ARG A 208 -19.62 11.46 5.83
N VAL A 209 -19.27 11.99 7.00
CA VAL A 209 -20.27 12.37 7.99
C VAL A 209 -20.57 13.86 7.95
N GLY A 210 -20.04 14.58 6.97
CA GLY A 210 -20.39 15.97 6.80
C GLY A 210 -19.74 16.91 7.79
N ASN A 211 -18.53 16.60 8.25
CA ASN A 211 -17.78 17.45 9.16
C ASN A 211 -16.87 18.33 8.32
N LYS A 212 -17.19 19.63 8.28
CA LYS A 212 -16.48 20.58 7.42
C LYS A 212 -15.03 20.81 7.84
N GLU A 213 -14.59 20.26 8.96
CA GLU A 213 -13.20 20.39 9.38
C GLU A 213 -12.26 19.47 8.61
N ALA A 214 -12.80 18.63 7.72
CA ALA A 214 -11.97 17.65 7.01
C ALA A 214 -10.79 18.30 6.31
N TYR A 215 -11.04 19.40 5.60
CA TYR A 215 -9.96 20.02 4.83
C TYR A 215 -8.91 20.69 5.71
N LYS A 216 -9.20 20.92 7.00
CA LYS A 216 -8.15 21.35 7.91
C LYS A 216 -7.12 20.24 8.11
N TRP A 217 -7.55 18.98 8.08
CA TRP A 217 -6.61 17.87 8.21
C TRP A 217 -5.87 17.61 6.91
N TYR A 218 -6.55 17.74 5.77
CA TYR A 218 -5.82 17.71 4.50
C TYR A 218 -4.80 18.84 4.45
N GLU A 219 -5.22 20.06 4.82
CA GLU A 219 -4.29 21.19 4.82
C GLU A 219 -3.06 20.91 5.66
N LEU A 220 -3.25 20.29 6.84
CA LEU A 220 -2.12 20.01 7.71
C LEU A 220 -1.32 18.81 7.23
N GLY A 221 -1.97 17.82 6.61
CA GLY A 221 -1.23 16.74 5.97
C GLY A 221 -0.36 17.26 4.84
N HIS A 222 -0.83 18.28 4.12
CA HIS A 222 -0.02 18.89 3.09
C HIS A 222 1.19 19.61 3.68
N LYS A 223 0.97 20.42 4.72
N LYS A 223 0.98 20.42 4.71
CA LYS A 223 2.07 21.17 5.32
CA LYS A 223 2.08 21.17 5.29
C LYS A 223 3.12 20.26 5.94
C LYS A 223 3.13 20.26 5.93
N ARG A 224 2.75 19.05 6.33
CA ARG A 224 3.70 18.10 6.91
C ARG A 224 4.28 17.14 5.89
N GLY A 225 4.04 17.35 4.60
CA GLY A 225 4.74 16.64 3.56
C GLY A 225 4.14 15.32 3.12
N HIS A 226 2.90 15.04 3.50
CA HIS A 226 2.30 13.76 3.12
C HIS A 226 1.55 13.83 1.81
N PHE A 227 0.99 14.98 1.47
CA PHE A 227 0.18 15.16 0.27
C PHE A 227 0.80 16.23 -0.62
N ALA A 228 0.87 15.94 -1.92
CA ALA A 228 1.37 16.95 -2.85
C ALA A 228 0.54 18.22 -2.79
N SER A 229 -0.75 18.10 -2.51
CA SER A 229 -1.63 19.24 -2.36
C SER A 229 -2.85 18.77 -1.58
N VAL A 230 -3.72 19.72 -1.23
CA VAL A 230 -4.90 19.35 -0.48
C VAL A 230 -5.86 18.56 -1.36
N TRP A 231 -5.85 18.83 -2.67
CA TRP A 231 -6.72 18.11 -3.60
C TRP A 231 -6.13 16.79 -4.07
N GLN A 232 -4.81 16.65 -4.12
CA GLN A 232 -4.14 15.46 -4.66
C GLN A 232 -3.47 14.72 -3.51
N ARG A 233 -4.11 13.63 -3.05
CA ARG A 233 -3.76 13.04 -1.77
C ARG A 233 -3.27 11.59 -1.88
N SER A 234 -2.86 11.17 -3.08
CA SER A 234 -2.28 9.84 -3.23
C SER A 234 -1.00 9.73 -2.41
N LEU A 235 -0.67 8.49 -2.01
CA LEU A 235 0.44 8.24 -1.11
C LEU A 235 1.58 7.42 -1.72
N TYR A 236 1.42 6.90 -2.93
CA TYR A 236 2.48 6.13 -3.60
C TYR A 236 2.88 6.90 -4.85
N ASN A 237 3.79 7.86 -4.67
CA ASN A 237 4.02 8.87 -5.70
C ASN A 237 5.46 8.92 -6.16
N VAL A 238 5.63 9.43 -7.38
CA VAL A 238 6.91 9.92 -7.89
C VAL A 238 6.80 11.44 -7.92
N ASN A 239 7.65 12.11 -7.15
CA ASN A 239 7.57 13.55 -7.08
C ASN A 239 8.01 14.18 -8.39
N GLY A 240 7.37 15.30 -8.74
CA GLY A 240 7.72 16.07 -9.90
C GLY A 240 6.78 15.90 -11.09
N LEU A 241 5.94 14.88 -11.09
CA LEU A 241 5.06 14.64 -12.22
C LEU A 241 4.00 15.73 -12.32
N LYS A 242 3.78 16.21 -13.56
CA LYS A 242 2.77 17.23 -13.81
C LYS A 242 1.44 16.84 -13.18
N ALA A 243 0.87 17.76 -12.40
CA ALA A 243 -0.35 17.51 -11.62
C ALA A 243 -1.47 18.40 -12.12
N GLN A 244 -2.44 17.80 -12.81
CA GLN A 244 -3.61 18.48 -13.33
C GLN A 244 -4.77 17.51 -13.14
N PRO A 245 -5.94 17.97 -12.70
CA PRO A 245 -7.08 17.04 -12.60
C PRO A 245 -7.52 16.47 -13.95
N TRP A 246 -7.67 17.33 -14.94
CA TRP A 246 -8.19 16.96 -16.25
C TRP A 246 -7.11 17.13 -17.31
N TRP A 247 -7.05 16.18 -18.25
CA TRP A 247 -6.05 16.13 -19.29
C TRP A 247 -6.71 16.00 -20.67
N THR A 248 -6.09 16.63 -21.70
CA THR A 248 -6.51 16.35 -23.08
C THR A 248 -5.70 15.19 -23.66
N PRO A 249 -6.21 14.52 -24.69
CA PRO A 249 -5.39 13.51 -25.38
C PRO A 249 -4.02 14.03 -25.78
N LYS A 250 -3.95 15.20 -26.42
CA LYS A 250 -2.67 15.70 -26.88
C LYS A 250 -1.72 15.97 -25.71
N GLU A 251 -2.26 16.43 -24.58
CA GLU A 251 -1.41 16.65 -23.42
C GLU A 251 -0.79 15.34 -22.93
N THR A 252 -1.48 14.21 -23.10
CA THR A 252 -0.92 12.95 -22.62
C THR A 252 0.12 12.36 -23.58
N GLY A 253 0.06 12.73 -24.86
CA GLY A 253 0.86 12.08 -25.88
C GLY A 253 0.33 10.76 -26.38
N TYR A 254 -0.71 10.21 -25.75
CA TYR A 254 -1.21 8.89 -26.12
C TYR A 254 -2.33 8.99 -27.16
N THR A 255 -2.06 9.75 -28.21
CA THR A 255 -3.11 10.07 -29.18
C THR A 255 -3.51 8.86 -30.01
N GLU A 256 -2.59 7.93 -30.27
CA GLU A 256 -2.96 6.74 -31.04
C GLU A 256 -3.89 5.85 -30.25
N LEU A 257 -3.66 5.69 -28.95
CA LEU A 257 -4.56 4.91 -28.11
C LEU A 257 -5.96 5.51 -28.09
N VAL A 258 -6.04 6.84 -27.94
CA VAL A 258 -7.33 7.51 -27.90
C VAL A 258 -8.05 7.34 -29.23
N LYS A 259 -7.36 7.56 -30.34
CA LYS A 259 -8.00 7.36 -31.63
C LYS A 259 -8.51 5.93 -31.79
N SER A 260 -7.74 4.96 -31.32
CA SER A 260 -8.19 3.58 -31.48
C SER A 260 -9.44 3.32 -30.63
N LEU A 261 -9.45 3.84 -29.41
CA LEU A 261 -10.63 3.67 -28.58
C LEU A 261 -11.85 4.33 -29.21
N GLU A 262 -11.68 5.54 -29.76
CA GLU A 262 -12.83 6.25 -30.30
C GLU A 262 -13.28 5.67 -31.64
N ARG A 263 -12.35 5.22 -32.49
CA ARG A 263 -12.76 4.64 -33.75
C ARG A 263 -13.42 3.28 -33.58
N ASN A 264 -13.00 2.49 -32.58
CA ASN A 264 -13.49 1.13 -32.38
C ASN A 264 -14.42 1.01 -31.19
N TRP A 265 -15.05 2.11 -30.77
CA TRP A 265 -15.78 2.08 -29.51
C TRP A 265 -16.96 1.12 -29.55
N LYS A 266 -17.58 0.91 -30.71
CA LYS A 266 -18.79 0.08 -30.74
C LYS A 266 -18.46 -1.39 -30.50
N LEU A 267 -17.31 -1.88 -30.97
CA LEU A 267 -16.97 -3.27 -30.68
C LEU A 267 -16.69 -3.46 -29.20
N ILE A 268 -16.08 -2.46 -28.56
CA ILE A 268 -15.85 -2.51 -27.12
C ILE A 268 -17.19 -2.54 -26.37
N ARG A 269 -18.10 -1.65 -26.74
CA ARG A 269 -19.44 -1.65 -26.15
C ARG A 269 -20.11 -3.01 -26.31
N ASP A 270 -20.14 -3.55 -27.53
CA ASP A 270 -20.93 -4.75 -27.80
C ASP A 270 -20.40 -5.95 -27.02
N GLU A 271 -19.09 -6.05 -26.84
CA GLU A 271 -18.57 -7.16 -26.03
C GLU A 271 -18.96 -6.97 -24.56
N GLY A 272 -18.94 -5.73 -24.07
CA GLY A 272 -19.39 -5.48 -22.71
C GLY A 272 -20.86 -5.81 -22.51
N LEU A 273 -21.70 -5.44 -23.49
CA LEU A 273 -23.12 -5.77 -23.40
C LEU A 273 -23.33 -7.27 -23.48
N ALA A 274 -22.55 -7.98 -24.32
CA ALA A 274 -22.70 -9.43 -24.39
C ALA A 274 -22.37 -10.08 -23.05
N VAL A 275 -21.37 -9.56 -22.35
CA VAL A 275 -21.04 -10.10 -21.03
C VAL A 275 -22.16 -9.80 -20.05
N MET A 276 -22.69 -8.58 -20.08
CA MET A 276 -23.86 -8.25 -19.26
C MET A 276 -25.00 -9.21 -19.51
N ASP A 277 -25.19 -9.63 -20.76
CA ASP A 277 -26.37 -10.41 -21.10
C ASP A 277 -26.18 -11.91 -20.89
N LYS A 278 -24.97 -12.43 -21.07
CA LYS A 278 -24.74 -13.86 -21.04
C LYS A 278 -23.72 -14.32 -20.01
N ALA A 279 -22.99 -13.40 -19.38
CA ALA A 279 -21.95 -13.79 -18.44
C ALA A 279 -21.80 -12.74 -17.35
N LYS A 280 -22.93 -12.34 -16.74
CA LYS A 280 -22.95 -11.16 -15.89
C LYS A 280 -22.12 -11.37 -14.62
N GLY A 281 -21.86 -12.63 -14.24
CA GLY A 281 -21.03 -12.90 -13.09
C GLY A 281 -19.59 -12.45 -13.24
N LEU A 282 -19.15 -12.19 -14.48
CA LEU A 282 -17.82 -11.63 -14.69
C LEU A 282 -17.72 -10.20 -14.18
N PHE A 283 -18.85 -9.50 -14.04
CA PHE A 283 -18.88 -8.18 -13.43
C PHE A 283 -18.92 -8.35 -11.92
N LEU A 284 -17.90 -7.83 -11.22
CA LEU A 284 -17.81 -8.01 -9.77
C LEU A 284 -18.16 -6.72 -9.03
N PRO A 285 -18.96 -6.80 -7.98
CA PRO A 285 -19.32 -5.58 -7.25
C PRO A 285 -18.09 -4.86 -6.71
N GLU A 286 -18.13 -3.53 -6.74
CA GLU A 286 -17.05 -2.74 -6.15
C GLU A 286 -16.91 -3.10 -4.68
N ASP A 287 -15.66 -3.26 -4.22
N ASP A 287 -15.67 -3.22 -4.22
CA ASP A 287 -15.41 -3.80 -2.89
CA ASP A 287 -15.38 -3.79 -2.91
C ASP A 287 -14.35 -3.01 -2.11
C ASP A 287 -14.28 -3.03 -2.18
N GLU A 288 -14.26 -1.69 -2.35
CA GLU A 288 -13.34 -0.84 -1.59
C GLU A 288 -14.06 0.17 -0.69
N ASN A 289 -15.33 -0.07 -0.38
CA ASN A 289 -16.14 0.79 0.48
C ASN A 289 -16.26 2.21 -0.07
N LEU A 290 -16.37 2.35 -1.39
CA LEU A 290 -16.40 3.68 -2.00
C LEU A 290 -17.81 4.19 -2.30
N ARG A 291 -18.85 3.39 -2.12
CA ARG A 291 -20.21 3.83 -2.39
C ARG A 291 -20.90 4.30 -1.12
N GLU A 292 -21.62 5.41 -1.22
CA GLU A 292 -22.62 5.72 -0.21
C GLU A 292 -23.84 4.83 -0.39
N LYS A 293 -24.25 4.61 -1.64
CA LYS A 293 -25.44 3.86 -1.97
C LYS A 293 -25.36 3.46 -3.43
N GLY A 294 -26.11 2.44 -3.80
CA GLY A 294 -26.29 2.09 -5.20
C GLY A 294 -25.51 0.86 -5.62
N ASP A 295 -25.49 0.66 -6.93
CA ASP A 295 -24.95 -0.56 -7.56
C ASP A 295 -23.92 -0.18 -8.61
N TRP A 296 -22.74 -0.79 -8.50
CA TRP A 296 -21.57 -0.45 -9.30
C TRP A 296 -20.70 -1.69 -9.32
N SER A 297 -20.37 -2.18 -10.52
CA SER A 297 -19.60 -3.40 -10.72
C SER A 297 -18.60 -3.20 -11.85
N GLN A 298 -17.54 -4.01 -11.83
CA GLN A 298 -16.46 -3.90 -12.81
C GLN A 298 -16.04 -5.28 -13.31
N PHE A 299 -15.69 -5.33 -14.58
CA PHE A 299 -15.28 -6.53 -15.31
C PHE A 299 -13.87 -6.24 -15.81
N THR A 300 -12.87 -6.85 -15.17
CA THR A 300 -11.49 -6.43 -15.33
C THR A 300 -10.73 -7.33 -16.31
N LEU A 301 -10.09 -6.70 -17.30
CA LEU A 301 -9.34 -7.38 -18.35
C LEU A 301 -7.84 -7.43 -18.06
N TRP A 302 -7.29 -6.37 -17.47
CA TRP A 302 -5.90 -6.32 -17.04
C TRP A 302 -5.83 -5.70 -15.65
N GLN A 303 -4.94 -6.20 -14.81
CA GLN A 303 -4.64 -5.56 -13.54
C GLN A 303 -3.16 -5.79 -13.27
N GLN A 304 -2.51 -4.79 -12.69
CA GLN A 304 -1.08 -4.83 -12.40
C GLN A 304 -0.26 -5.28 -13.62
N GLY A 305 -0.69 -4.83 -14.80
CA GLY A 305 0.03 -5.15 -16.01
C GLY A 305 -0.08 -6.59 -16.46
N ARG A 306 -1.02 -7.36 -15.91
CA ARG A 306 -1.19 -8.77 -16.24
C ARG A 306 -2.57 -8.98 -16.86
N ARG A 307 -2.59 -9.63 -18.02
CA ARG A 307 -3.84 -9.95 -18.69
C ARG A 307 -4.58 -11.07 -17.95
N ASN A 308 -5.88 -10.88 -17.73
N ASN A 308 -5.89 -10.88 -17.74
CA ASN A 308 -6.72 -11.93 -17.15
CA ASN A 308 -6.74 -11.92 -17.17
C ASN A 308 -7.25 -12.77 -18.30
C ASN A 308 -7.26 -12.77 -18.32
N GLU A 309 -6.69 -13.97 -18.48
CA GLU A 309 -6.97 -14.75 -19.69
C GLU A 309 -8.43 -15.17 -19.76
N ASN A 310 -9.00 -15.64 -18.64
N ASN A 310 -9.01 -15.62 -18.65
CA ASN A 310 -10.41 -16.05 -18.69
CA ASN A 310 -10.40 -16.03 -18.70
C ASN A 310 -11.31 -14.85 -18.97
C ASN A 310 -11.32 -14.85 -18.95
N ALA A 311 -11.02 -13.70 -18.35
CA ALA A 311 -11.78 -12.49 -18.62
C ALA A 311 -11.69 -12.11 -20.10
N CYS A 312 -10.51 -12.21 -20.68
CA CYS A 312 -10.38 -11.85 -22.09
C CYS A 312 -11.13 -12.81 -23.01
N LYS A 313 -11.46 -14.03 -22.54
CA LYS A 313 -12.32 -14.88 -23.35
C LYS A 313 -13.72 -14.27 -23.51
N GLY A 314 -14.12 -13.39 -22.60
CA GLY A 314 -15.39 -12.70 -22.69
C GLY A 314 -15.38 -11.41 -23.48
N ALA A 315 -14.20 -10.87 -23.78
CA ALA A 315 -14.06 -9.67 -24.60
C ALA A 315 -12.81 -9.85 -25.47
N PRO A 316 -12.81 -10.88 -26.32
CA PRO A 316 -11.59 -11.24 -27.06
C PRO A 316 -11.15 -10.17 -28.06
N LYS A 317 -12.08 -9.53 -28.75
CA LYS A 317 -11.67 -8.52 -29.73
C LYS A 317 -11.14 -7.27 -29.03
N THR A 318 -11.77 -6.87 -27.93
CA THR A 318 -11.26 -5.75 -27.14
C THR A 318 -9.87 -6.07 -26.60
N CYS A 319 -9.64 -7.29 -26.12
CA CYS A 319 -8.30 -7.61 -25.63
C CYS A 319 -7.29 -7.62 -26.78
N THR A 320 -7.70 -8.11 -27.96
CA THR A 320 -6.78 -8.11 -29.10
C THR A 320 -6.44 -6.69 -29.50
N LEU A 321 -7.43 -5.79 -29.51
CA LEU A 321 -7.19 -4.39 -29.86
C LEU A 321 -6.18 -3.75 -28.92
N LEU A 322 -6.34 -3.98 -27.62
CA LEU A 322 -5.56 -3.25 -26.62
C LEU A 322 -4.12 -3.74 -26.55
N GLU A 323 -3.83 -4.94 -27.06
CA GLU A 323 -2.50 -5.53 -26.97
C GLU A 323 -1.46 -4.68 -27.68
N LYS A 324 -1.89 -3.82 -28.61
N LYS A 324 -1.89 -3.82 -28.61
CA LYS A 324 -0.94 -2.99 -29.33
CA LYS A 324 -0.98 -2.96 -29.36
C LYS A 324 -0.45 -1.81 -28.52
C LYS A 324 -0.46 -1.80 -28.53
N PHE A 325 -1.00 -1.58 -27.33
CA PHE A 325 -0.68 -0.41 -26.53
C PHE A 325 -0.08 -0.79 -25.17
N PRO A 326 1.23 -0.99 -25.12
CA PRO A 326 1.87 -1.31 -23.84
C PRO A 326 1.80 -0.17 -22.83
N GLU A 327 1.51 1.06 -23.26
CA GLU A 327 1.34 2.13 -22.29
C GLU A 327 0.20 1.85 -21.32
N THR A 328 -0.76 1.01 -21.70
CA THR A 328 -1.81 0.60 -20.77
C THR A 328 -1.70 -0.86 -20.34
N THR A 329 -1.40 -1.78 -21.26
CA THR A 329 -1.34 -3.19 -20.85
C THR A 329 -0.17 -3.45 -19.91
N GLY A 330 0.88 -2.65 -20.00
CA GLY A 330 2.00 -2.74 -19.09
C GLY A 330 1.96 -1.77 -17.92
N CYS A 331 0.87 -1.06 -17.72
CA CYS A 331 0.76 -0.15 -16.59
C CYS A 331 0.50 -1.00 -15.35
N ARG A 332 1.55 -1.29 -14.58
CA ARG A 332 1.46 -2.16 -13.41
C ARG A 332 0.87 -1.46 -12.19
N ARG A 333 0.54 -0.17 -12.33
CA ARG A 333 -0.17 0.60 -11.30
C ARG A 333 -1.56 1.01 -11.75
N GLY A 334 -2.14 0.28 -12.70
CA GLY A 334 -3.46 0.59 -13.20
C GLY A 334 -4.18 -0.66 -13.64
N GLN A 335 -5.41 -0.48 -14.15
CA GLN A 335 -6.19 -1.59 -14.68
C GLN A 335 -6.79 -1.21 -16.03
N ILE A 336 -7.39 -2.20 -16.69
CA ILE A 336 -8.25 -2.02 -17.85
C ILE A 336 -9.53 -2.79 -17.53
N LYS A 337 -10.67 -2.08 -17.51
CA LYS A 337 -11.90 -2.72 -17.04
C LYS A 337 -13.14 -2.00 -17.54
N TYR A 338 -14.21 -2.76 -17.75
CA TYR A 338 -15.53 -2.18 -17.91
C TYR A 338 -16.08 -1.79 -16.53
N SER A 339 -16.87 -0.72 -16.48
CA SER A 339 -17.51 -0.30 -15.23
C SER A 339 -18.97 0.05 -15.52
N ILE A 340 -19.88 -0.68 -14.87
CA ILE A 340 -21.31 -0.42 -14.99
C ILE A 340 -21.80 0.19 -13.68
N MET A 341 -22.64 1.23 -13.81
CA MET A 341 -23.21 1.92 -12.66
C MET A 341 -24.69 2.18 -12.94
N HIS A 342 -25.52 1.94 -11.94
CA HIS A 342 -26.97 2.01 -12.10
C HIS A 342 -27.56 3.19 -11.34
N PRO A 343 -28.78 3.60 -11.67
CA PRO A 343 -29.35 4.78 -11.00
C PRO A 343 -29.44 4.59 -9.50
N GLY A 344 -29.45 5.71 -8.79
CA GLY A 344 -29.44 5.66 -7.35
C GLY A 344 -28.07 5.47 -6.75
N THR A 345 -27.01 5.72 -7.52
CA THR A 345 -25.66 5.47 -7.03
C THR A 345 -24.94 6.79 -6.77
N HIS A 346 -24.27 6.86 -5.63
CA HIS A 346 -23.39 7.96 -5.27
C HIS A 346 -22.08 7.37 -4.79
N VAL A 347 -20.99 7.70 -5.48
CA VAL A 347 -19.65 7.28 -5.09
C VAL A 347 -19.03 8.40 -4.25
N TRP A 348 -18.59 8.07 -3.03
CA TRP A 348 -18.00 9.06 -2.15
C TRP A 348 -16.83 9.79 -2.81
N PRO A 349 -16.58 11.05 -2.46
CA PRO A 349 -15.27 11.65 -2.79
C PRO A 349 -14.16 10.70 -2.40
N HIS A 350 -13.23 10.45 -3.31
CA HIS A 350 -12.13 9.57 -3.00
C HIS A 350 -10.95 9.87 -3.92
N THR A 351 -9.82 9.27 -3.57
CA THR A 351 -8.53 9.42 -4.25
C THR A 351 -7.99 8.02 -4.52
N GLY A 352 -7.34 7.86 -5.67
CA GLY A 352 -6.60 6.65 -5.95
C GLY A 352 -5.27 6.63 -5.24
N PRO A 353 -4.60 5.48 -5.29
CA PRO A 353 -3.40 5.31 -4.46
C PRO A 353 -2.12 5.98 -4.99
N THR A 354 -2.03 6.31 -6.28
CA THR A 354 -0.74 6.70 -6.87
C THR A 354 -0.92 7.82 -7.88
N ASN A 355 0.08 8.70 -7.95
CA ASN A 355 0.09 9.73 -8.99
C ASN A 355 0.76 9.25 -10.27
N CYS A 356 1.14 7.98 -10.35
CA CYS A 356 1.90 7.46 -11.47
C CYS A 356 1.04 7.00 -12.63
N ARG A 357 -0.28 7.14 -12.55
CA ARG A 357 -1.16 6.76 -13.63
C ARG A 357 -2.12 7.89 -13.95
N LEU A 358 -2.62 7.88 -15.19
CA LEU A 358 -3.75 8.68 -15.62
C LEU A 358 -4.84 7.71 -16.03
N ARG A 359 -6.09 8.14 -15.91
CA ARG A 359 -7.23 7.26 -16.13
C ARG A 359 -8.04 7.78 -17.30
N MET A 360 -8.22 6.95 -18.32
CA MET A 360 -9.09 7.25 -19.45
C MET A 360 -10.43 6.57 -19.27
N HIS A 361 -11.51 7.30 -19.55
CA HIS A 361 -12.86 6.76 -19.61
C HIS A 361 -13.37 6.86 -21.05
N LEU A 362 -13.84 5.75 -21.61
CA LEU A 362 -14.52 5.76 -22.89
C LEU A 362 -16.00 5.53 -22.65
N GLY A 363 -16.85 6.44 -23.13
CA GLY A 363 -18.28 6.27 -22.96
C GLY A 363 -18.80 5.17 -23.86
N LEU A 364 -19.62 4.28 -23.29
CA LEU A 364 -20.18 3.19 -24.09
C LEU A 364 -21.70 3.23 -24.15
N VAL A 365 -22.38 3.26 -23.02
CA VAL A 365 -23.82 3.48 -22.94
C VAL A 365 -24.00 4.58 -21.89
N ILE A 366 -24.36 5.77 -22.34
CA ILE A 366 -24.49 6.93 -21.46
C ILE A 366 -25.89 7.48 -21.55
N PRO A 367 -26.71 7.36 -20.50
CA PRO A 367 -28.03 8.02 -20.51
C PRO A 367 -27.89 9.52 -20.78
N LYS A 368 -28.92 10.10 -21.40
CA LYS A 368 -28.79 11.50 -21.79
C LYS A 368 -28.76 12.46 -20.61
N GLU A 369 -29.32 12.07 -19.45
CA GLU A 369 -29.21 12.90 -18.26
C GLU A 369 -28.93 12.02 -17.04
N GLY A 370 -28.32 12.64 -16.02
CA GLY A 370 -28.23 12.04 -14.70
C GLY A 370 -26.86 11.56 -14.28
N CYS A 371 -25.90 11.41 -15.19
CA CYS A 371 -24.60 10.87 -14.85
C CYS A 371 -23.54 11.96 -14.94
N LYS A 372 -22.70 12.06 -13.92
CA LYS A 372 -21.64 13.06 -13.98
C LYS A 372 -20.52 12.67 -13.04
N ILE A 373 -19.34 13.22 -13.33
CA ILE A 373 -18.15 12.96 -12.53
C ILE A 373 -17.46 14.28 -12.23
N ARG A 374 -17.12 14.49 -10.96
CA ARG A 374 -16.33 15.63 -10.53
C ARG A 374 -14.90 15.17 -10.23
N CYS A 375 -13.93 15.94 -10.71
CA CYS A 375 -12.54 15.78 -10.30
C CYS A 375 -12.04 17.16 -9.86
N ALA A 376 -11.63 17.26 -8.60
CA ALA A 376 -11.19 18.55 -8.03
C ALA A 376 -12.40 19.48 -8.06
N ASN A 377 -12.29 20.68 -8.61
CA ASN A 377 -13.41 21.61 -8.60
C ASN A 377 -14.18 21.65 -9.92
N GLU A 378 -13.99 20.66 -10.80
CA GLU A 378 -14.64 20.69 -12.11
C GLU A 378 -15.40 19.40 -12.38
N THR A 379 -16.64 19.54 -12.82
CA THR A 379 -17.52 18.42 -13.09
C THR A 379 -17.75 18.26 -14.59
N LYS A 380 -17.79 17.01 -15.05
CA LYS A 380 -17.96 16.73 -16.47
C LYS A 380 -18.92 15.56 -16.67
N THR A 381 -19.34 15.37 -17.92
CA THR A 381 -20.19 14.28 -18.31
C THR A 381 -19.50 13.43 -19.36
N TRP A 382 -19.96 12.20 -19.52
CA TRP A 382 -19.46 11.30 -20.54
C TRP A 382 -20.25 11.45 -21.84
N GLU A 383 -19.64 11.03 -22.94
CA GLU A 383 -20.32 10.94 -24.22
C GLU A 383 -20.01 9.59 -24.83
N GLU A 384 -21.01 8.98 -25.46
CA GLU A 384 -20.81 7.71 -26.16
C GLU A 384 -19.79 7.86 -27.26
N GLY A 385 -18.78 7.00 -27.23
CA GLY A 385 -17.72 7.01 -28.21
C GLY A 385 -16.63 8.03 -27.98
N LYS A 386 -16.62 8.71 -26.83
CA LYS A 386 -15.62 9.74 -26.56
C LYS A 386 -14.85 9.43 -25.28
N VAL A 387 -13.59 9.86 -25.25
CA VAL A 387 -12.67 9.61 -24.15
C VAL A 387 -12.56 10.87 -23.29
N LEU A 388 -12.71 10.69 -21.98
CA LEU A 388 -12.30 11.66 -20.97
C LEU A 388 -11.05 11.14 -20.27
N ILE A 389 -10.17 12.05 -19.86
CA ILE A 389 -8.92 11.71 -19.18
C ILE A 389 -8.76 12.56 -17.94
N PHE A 390 -8.57 11.91 -16.78
CA PHE A 390 -8.35 12.64 -15.54
C PHE A 390 -7.29 11.92 -14.72
N ASP A 391 -6.73 12.64 -13.76
CA ASP A 391 -5.77 12.10 -12.81
C ASP A 391 -6.54 11.75 -11.53
N ASP A 392 -6.73 10.45 -11.30
CA ASP A 392 -7.55 10.00 -10.18
C ASP A 392 -6.81 10.03 -8.86
N SER A 393 -5.58 10.54 -8.83
CA SER A 393 -4.94 10.89 -7.56
C SER A 393 -5.49 12.20 -7.00
N PHE A 394 -6.23 12.96 -7.80
CA PHE A 394 -7.03 14.06 -7.31
C PHE A 394 -8.38 13.55 -6.80
N GLU A 395 -8.91 14.22 -5.77
CA GLU A 395 -10.22 13.85 -5.26
C GLU A 395 -11.28 13.90 -6.36
N HIS A 396 -12.08 12.84 -6.47
CA HIS A 396 -13.15 12.80 -7.46
C HIS A 396 -14.35 12.04 -6.91
N GLU A 397 -15.49 12.23 -7.57
CA GLU A 397 -16.79 11.86 -7.05
C GLU A 397 -17.72 11.62 -8.23
N VAL A 398 -18.66 10.69 -8.08
CA VAL A 398 -19.53 10.27 -9.18
C VAL A 398 -20.96 10.11 -8.70
N TRP A 399 -21.89 10.47 -9.57
CA TRP A 399 -23.32 10.33 -9.32
C TRP A 399 -23.95 9.64 -10.51
N GLN A 400 -24.99 8.86 -10.25
CA GLN A 400 -25.77 8.18 -11.30
C GLN A 400 -27.24 8.32 -10.90
N ASP A 401 -27.92 9.28 -11.52
CA ASP A 401 -29.32 9.58 -11.26
C ASP A 401 -30.12 9.51 -12.56
N ALA A 402 -29.71 8.64 -13.48
CA ALA A 402 -30.45 8.45 -14.72
C ALA A 402 -31.63 7.50 -14.47
N SER A 403 -32.23 7.00 -15.56
CA SER A 403 -33.32 6.03 -15.47
C SER A 403 -32.95 4.71 -16.13
N SER A 404 -31.66 4.49 -16.39
CA SER A 404 -31.17 3.24 -16.94
C SER A 404 -29.67 3.16 -16.69
N PHE A 405 -29.06 2.05 -17.07
CA PHE A 405 -27.68 1.77 -16.72
C PHE A 405 -26.71 2.63 -17.54
N ARG A 406 -25.51 2.81 -16.99
CA ARG A 406 -24.42 3.58 -17.57
C ARG A 406 -23.18 2.69 -17.63
N LEU A 407 -22.65 2.47 -18.83
CA LEU A 407 -21.48 1.62 -19.05
C LEU A 407 -20.35 2.44 -19.64
N ILE A 408 -19.17 2.38 -19.01
CA ILE A 408 -17.96 3.00 -19.53
C ILE A 408 -16.86 1.96 -19.57
N PHE A 409 -15.79 2.27 -20.31
CA PHE A 409 -14.58 1.45 -20.40
C PHE A 409 -13.44 2.26 -19.81
N ILE A 410 -12.72 1.68 -18.85
CA ILE A 410 -11.68 2.38 -18.11
C ILE A 410 -10.32 1.83 -18.52
N VAL A 411 -9.43 2.73 -18.94
CA VAL A 411 -8.10 2.36 -19.43
C VAL A 411 -7.08 3.26 -18.72
N ASP A 412 -6.27 2.65 -17.85
CA ASP A 412 -5.20 3.36 -17.14
C ASP A 412 -3.92 3.35 -17.99
N VAL A 413 -3.23 4.49 -18.02
CA VAL A 413 -1.93 4.59 -18.68
C VAL A 413 -0.91 5.14 -17.70
N TRP A 414 0.35 4.77 -17.91
CA TRP A 414 1.44 5.37 -17.15
C TRP A 414 1.40 6.88 -17.34
N HIS A 415 1.64 7.63 -16.26
CA HIS A 415 1.84 9.06 -16.39
C HIS A 415 2.89 9.31 -17.47
N PRO A 416 2.63 10.19 -18.44
CA PRO A 416 3.54 10.30 -19.59
C PRO A 416 4.94 10.77 -19.24
N GLU A 417 5.15 11.46 -18.12
CA GLU A 417 6.49 11.94 -17.79
C GLU A 417 7.34 10.90 -17.08
N LEU A 418 6.81 9.70 -16.83
CA LEU A 418 7.62 8.63 -16.27
C LEU A 418 8.53 8.04 -17.34
N THR A 419 9.81 7.87 -16.98
CA THR A 419 10.80 7.29 -17.88
C THR A 419 10.59 5.78 -18.03
N PRO A 420 11.09 5.20 -19.12
CA PRO A 420 11.04 3.74 -19.24
C PRO A 420 11.65 3.02 -18.06
N GLN A 421 12.75 3.56 -17.51
CA GLN A 421 13.34 2.97 -16.31
C GLN A 421 12.32 2.91 -15.18
N GLN A 422 11.66 4.04 -14.89
CA GLN A 422 10.68 4.06 -13.81
C GLN A 422 9.54 3.09 -14.08
N ARG A 423 9.07 3.03 -15.33
CA ARG A 423 7.96 2.14 -15.66
C ARG A 423 8.33 0.68 -15.46
N ARG A 424 9.63 0.35 -15.54
CA ARG A 424 10.06 -1.02 -15.35
C ARG A 424 10.29 -1.34 -13.89
N SER A 425 10.62 -0.34 -13.08
CA SER A 425 11.12 -0.53 -11.72
C SER A 425 10.07 -0.32 -10.63
N LEU A 426 9.15 0.62 -10.82
CA LEU A 426 8.18 0.91 -9.77
C LEU A 426 7.48 -0.37 -9.33
N PRO A 427 7.30 -0.59 -8.02
CA PRO A 427 6.49 -1.75 -7.59
C PRO A 427 5.04 -1.62 -8.05
N ALA A 428 4.44 -2.77 -8.36
CA ALA A 428 3.07 -2.80 -8.84
C ALA A 428 2.09 -2.40 -7.75
N ILE A 429 1.00 -1.76 -8.16
CA ILE A 429 -0.11 -1.45 -7.25
C ILE A 429 -1.41 -1.92 -7.90
N GLY B 14 -6.16 -8.50 -1.18
CA GLY B 14 -6.38 -7.09 -0.84
C GLY B 14 -5.48 -6.18 -1.65
N LYS B 15 -6.04 -5.57 -2.68
CA LYS B 15 -5.29 -4.64 -3.52
C LYS B 15 -5.99 -3.29 -3.53
N CYS B 16 -5.19 -2.24 -3.64
CA CYS B 16 -5.67 -0.88 -3.86
C CYS B 16 -5.89 -0.71 -5.35
N LYS B 17 -7.14 -0.77 -5.80
CA LYS B 17 -7.42 -0.58 -7.21
C LYS B 17 -7.88 0.86 -7.47
N ASP B 18 -9.03 1.24 -6.92
CA ASP B 18 -9.55 2.58 -7.09
C ASP B 18 -9.31 3.48 -5.89
N GLY B 19 -9.00 2.92 -4.72
CA GLY B 19 -8.81 3.72 -3.53
C GLY B 19 -7.58 3.35 -2.73
N LEU B 20 -7.54 3.79 -1.48
CA LEU B 20 -6.35 3.69 -0.62
C LEU B 20 -6.70 3.04 0.70
N GLY B 21 -7.44 1.94 0.65
CA GLY B 21 -8.07 1.38 1.82
C GLY B 21 -7.24 0.37 2.58
N GLU B 22 -6.20 -0.17 1.95
CA GLU B 22 -5.36 -1.16 2.60
C GLU B 22 -4.26 -0.49 3.40
N TYR B 23 -3.78 -1.19 4.42
CA TYR B 23 -2.68 -0.65 5.21
C TYR B 23 -1.45 -0.39 4.34
N THR B 24 -1.14 -1.31 3.44
CA THR B 24 -0.08 -1.13 2.46
C THR B 24 -0.59 -1.59 1.10
N CYS B 25 -0.20 -0.88 0.04
CA CYS B 25 -0.69 -1.17 -1.30
C CYS B 25 0.33 -1.86 -2.19
N THR B 26 1.60 -1.89 -1.81
CA THR B 26 2.62 -2.58 -2.59
C THR B 26 3.09 -3.82 -1.84
N SER B 27 3.66 -4.74 -2.58
CA SER B 27 4.14 -5.99 -2.00
C SER B 27 5.56 -5.80 -1.45
N LEU B 28 5.91 -6.66 -0.50
CA LEU B 28 7.25 -6.69 0.09
C LEU B 28 7.96 -7.92 -0.48
N GLU B 29 8.97 -7.69 -1.33
CA GLU B 29 9.68 -8.78 -1.99
C GLU B 29 11.18 -8.65 -1.81
N GLY B 30 11.62 -8.04 -0.71
CA GLY B 30 13.04 -7.94 -0.43
C GLY B 30 13.74 -6.95 -1.34
N PHE B 31 15.00 -7.27 -1.64
CA PHE B 31 15.80 -6.46 -2.55
C PHE B 31 15.31 -6.67 -3.98
#